data_1VJC
#
_entry.id   1VJC
#
_cell.length_a   36.2
_cell.length_b   106.5
_cell.length_c   51.1
_cell.angle_alpha   90
_cell.angle_beta   97.6
_cell.angle_gamma   90
#
_symmetry.space_group_name_H-M   'P 1 21 1'
#
loop_
_entity.id
_entity.type
_entity.pdbx_description
1 polymer 'phosphoglycerate kinase'
2 non-polymer 'MAGNESIUM ION'
3 non-polymer "ADENOSINE-5'-TRIPHOSPHATE"
4 water water
#
_entity_poly.entity_id   1
_entity_poly.type   'polypeptide(L)'
_entity_poly.pdbx_seq_one_letter_code
;SLSNKLTLDKLDVKGKRVVMRVDFNVPMKNNQITNNQRIKAAIPSIKFCLDNGAKSVVLMSHLGRPDGIPMPDKYSLEPV
AVELKSLLGKDVLFLKDCVGPEVEKACADPAAGSVILLENLRFHVEEEGKGKDASGSKVKADPAKIEAFRASLSKLGDVY
VNDAFGTAHRAHSSMVGVNLPKKAGGFLMKKELNYFAKALESPERPFLAILGGAKVADKIQLINNMLDKVNEMIIGGGMA
FTFLKVLNNMEIGTSLFDEEGSKIVKDLMSKAEKNGVKITLPVDFVTADKFDENAKTGQATVASGIPAGWMGLDCGPESS
KKYSEAVARAKQIVWNGPVGVFEWEAFAQGTKALMDEVVKATSRGCITIIGGGDTATCCAKWNTEDKVSHVSTGGGASLE
LLEGKVLPGVDALSNV
;
_entity_poly.pdbx_strand_id   A
#
loop_
_chem_comp.id
_chem_comp.type
_chem_comp.name
_chem_comp.formula
ATP non-polymer ADENOSINE-5'-TRIPHOSPHATE 'C10 H16 N5 O13 P3'
MG non-polymer 'MAGNESIUM ION' 'Mg 2'
#
# COMPACT_ATOMS: atom_id res chain seq x y z
N SER A 1 12.30 -6.30 -14.99
CA SER A 1 13.16 -5.26 -14.39
C SER A 1 12.94 -5.22 -12.88
N LEU A 2 11.69 -5.22 -12.46
CA LEU A 2 11.36 -5.21 -11.04
C LEU A 2 11.94 -6.47 -10.43
N SER A 3 12.18 -7.46 -11.28
CA SER A 3 12.73 -8.74 -10.83
C SER A 3 14.27 -8.73 -10.84
N ASN A 4 14.86 -7.61 -11.25
CA ASN A 4 16.32 -7.51 -11.32
C ASN A 4 16.94 -6.72 -10.17
N LYS A 5 16.21 -6.55 -9.08
CA LYS A 5 16.74 -5.81 -7.95
C LYS A 5 17.28 -6.74 -6.86
N LEU A 6 18.36 -6.32 -6.21
CA LEU A 6 18.99 -7.10 -5.16
C LEU A 6 18.06 -7.28 -3.96
N THR A 7 18.08 -8.49 -3.39
CA THR A 7 17.25 -8.82 -2.25
C THR A 7 18.12 -9.37 -1.13
N LEU A 8 17.60 -9.30 0.09
CA LEU A 8 18.28 -9.75 1.29
C LEU A 8 18.88 -11.15 1.25
N ASP A 9 18.16 -12.11 0.66
CA ASP A 9 18.66 -13.47 0.59
C ASP A 9 19.95 -13.59 -0.21
N LYS A 10 20.13 -12.68 -1.16
CA LYS A 10 21.32 -12.68 -2.00
C LYS A 10 22.35 -11.68 -1.50
N LEU A 11 22.29 -11.35 -0.20
CA LEU A 11 23.21 -10.40 0.41
C LEU A 11 24.01 -11.05 1.54
N ASP A 12 25.30 -10.75 1.61
CA ASP A 12 26.14 -11.32 2.67
C ASP A 12 26.20 -10.35 3.85
N VAL A 13 25.47 -10.66 4.90
CA VAL A 13 25.44 -9.81 6.09
C VAL A 13 26.47 -10.25 7.13
N LYS A 14 26.94 -11.47 6.99
CA LYS A 14 27.92 -12.05 7.91
C LYS A 14 28.93 -11.02 8.42
N GLY A 15 28.87 -10.74 9.71
CA GLY A 15 29.78 -9.78 10.33
C GLY A 15 29.66 -8.33 9.90
N LYS A 16 28.53 -7.98 9.27
CA LYS A 16 28.34 -6.60 8.83
C LYS A 16 27.26 -5.87 9.60
N ARG A 17 27.42 -4.55 9.71
CA ARG A 17 26.45 -3.72 10.40
C ARG A 17 25.35 -3.48 9.37
N VAL A 18 24.11 -3.75 9.74
CA VAL A 18 23.01 -3.57 8.81
C VAL A 18 22.09 -2.39 9.10
N VAL A 19 22.00 -1.46 8.15
CA VAL A 19 21.10 -0.32 8.29
C VAL A 19 19.84 -0.77 7.53
N MET A 20 18.71 -0.83 8.22
CA MET A 20 17.46 -1.30 7.62
C MET A 20 16.27 -0.35 7.79
N ARG A 21 15.65 0.04 6.67
CA ARG A 21 14.49 0.93 6.69
C ARG A 21 13.26 0.05 6.74
N VAL A 22 12.48 0.22 7.81
CA VAL A 22 11.29 -0.57 7.99
C VAL A 22 10.05 0.30 8.13
N ASP A 23 8.89 -0.33 8.05
CA ASP A 23 7.62 0.36 8.17
C ASP A 23 7.00 0.07 9.52
N PHE A 24 7.15 1.00 10.46
CA PHE A 24 6.61 0.84 11.80
C PHE A 24 5.54 1.90 12.07
N ASN A 25 4.91 2.38 11.00
CA ASN A 25 3.87 3.39 11.13
C ASN A 25 2.58 2.73 11.59
N VAL A 26 2.62 2.17 12.79
CA VAL A 26 1.47 1.49 13.36
C VAL A 26 0.44 2.47 13.93
N PRO A 27 -0.83 2.05 13.99
CA PRO A 27 -1.88 2.93 14.53
C PRO A 27 -1.80 2.93 16.06
N MET A 28 -1.91 4.10 16.66
CA MET A 28 -1.85 4.23 18.11
C MET A 28 -3.08 4.94 18.67
N LYS A 29 -3.75 4.31 19.63
CA LYS A 29 -4.96 4.87 20.25
C LYS A 29 -4.60 6.00 21.19
N ASN A 30 -3.29 6.23 21.35
CA ASN A 30 -2.81 7.29 22.21
C ASN A 30 -1.33 7.03 22.38
N ASN A 31 -1.02 6.20 23.37
CA ASN A 31 0.35 5.82 23.66
C ASN A 31 0.44 4.31 23.61
N GLN A 32 -0.64 3.73 23.11
CA GLN A 32 -0.76 2.29 22.96
C GLN A 32 -0.99 1.96 21.50
N ILE A 33 -0.32 0.92 21.04
CA ILE A 33 -0.42 0.47 19.66
C ILE A 33 -1.70 -0.34 19.53
N THR A 34 -2.58 0.09 18.64
CA THR A 34 -3.86 -0.60 18.43
C THR A 34 -3.73 -1.77 17.46
N ASN A 35 -2.60 -1.84 16.75
CA ASN A 35 -2.34 -2.91 15.78
C ASN A 35 -0.84 -3.04 15.59
N ASN A 36 -0.31 -4.23 15.81
CA ASN A 36 1.13 -4.47 15.68
C ASN A 36 1.49 -5.27 14.44
N GLN A 37 0.58 -5.37 13.49
CA GLN A 37 0.83 -6.12 12.27
C GLN A 37 2.10 -5.71 11.52
N ARG A 38 2.30 -4.41 11.37
CA ARG A 38 3.48 -3.89 10.66
C ARG A 38 4.79 -4.27 11.31
N ILE A 39 4.77 -4.45 12.63
CA ILE A 39 5.99 -4.83 13.35
C ILE A 39 6.29 -6.30 13.12
N LYS A 40 5.24 -7.12 13.11
CA LYS A 40 5.36 -8.56 12.90
C LYS A 40 5.82 -8.89 11.49
N ALA A 41 5.32 -8.14 10.52
CA ALA A 41 5.67 -8.38 9.13
C ALA A 41 7.17 -8.18 8.87
N ALA A 42 7.80 -7.34 9.69
CA ALA A 42 9.22 -7.02 9.54
C ALA A 42 10.20 -8.01 10.15
N ILE A 43 9.74 -8.79 11.12
CA ILE A 43 10.57 -9.76 11.83
C ILE A 43 11.40 -10.73 10.96
N PRO A 44 10.79 -11.29 9.91
CA PRO A 44 11.55 -12.21 9.06
C PRO A 44 12.85 -11.64 8.50
N SER A 45 12.83 -10.36 8.10
CA SER A 45 14.03 -9.73 7.55
C SER A 45 15.08 -9.49 8.63
N ILE A 46 14.62 -9.06 9.80
CA ILE A 46 15.51 -8.80 10.92
C ILE A 46 16.16 -10.09 11.44
N LYS A 47 15.36 -11.13 11.58
CA LYS A 47 15.85 -12.42 12.06
C LYS A 47 16.84 -13.06 11.08
N PHE A 48 16.60 -12.88 9.78
CA PHE A 48 17.49 -13.43 8.76
C PHE A 48 18.89 -12.87 8.94
N CYS A 49 18.95 -11.58 9.24
CA CYS A 49 20.23 -10.89 9.45
C CYS A 49 20.89 -11.44 10.71
N LEU A 50 20.17 -11.39 11.81
CA LEU A 50 20.67 -11.88 13.10
C LEU A 50 21.15 -13.33 13.02
N ASP A 51 20.41 -14.17 12.30
CA ASP A 51 20.78 -15.58 12.18
C ASP A 51 21.92 -15.83 11.20
N ASN A 52 22.16 -14.89 10.29
CA ASN A 52 23.24 -15.07 9.33
C ASN A 52 24.55 -14.36 9.72
N GLY A 53 24.65 -13.93 10.97
CA GLY A 53 25.87 -13.31 11.44
C GLY A 53 26.07 -11.80 11.48
N ALA A 54 25.07 -11.04 11.03
CA ALA A 54 25.17 -9.58 11.04
C ALA A 54 25.72 -9.11 12.39
N LYS A 55 26.55 -8.08 12.37
CA LYS A 55 27.10 -7.57 13.61
C LYS A 55 25.99 -6.84 14.38
N SER A 56 25.12 -6.16 13.66
CA SER A 56 24.02 -5.44 14.26
C SER A 56 22.98 -5.11 13.22
N VAL A 57 21.81 -4.68 13.68
CA VAL A 57 20.72 -4.32 12.79
C VAL A 57 20.17 -3.01 13.31
N VAL A 58 20.35 -1.96 12.52
CA VAL A 58 19.87 -0.64 12.90
C VAL A 58 18.54 -0.37 12.19
N LEU A 59 17.49 -0.21 12.97
CA LEU A 59 16.16 0.02 12.42
C LEU A 59 15.76 1.49 12.41
N MET A 60 15.31 1.97 11.26
CA MET A 60 14.85 3.34 11.14
C MET A 60 13.50 3.35 10.45
N SER A 61 12.59 4.14 10.99
CA SER A 61 11.24 4.23 10.45
C SER A 61 10.65 5.58 10.79
N HIS A 62 9.41 5.79 10.38
CA HIS A 62 8.71 7.03 10.66
C HIS A 62 7.37 6.66 11.27
N LEU A 63 6.76 7.60 11.97
CA LEU A 63 5.47 7.37 12.59
C LEU A 63 4.63 8.63 12.58
N GLY A 64 3.39 8.51 12.11
CA GLY A 64 2.48 9.64 12.08
C GLY A 64 2.90 10.79 11.20
N ARG A 65 2.63 12.01 11.65
CA ARG A 65 3.01 13.17 10.85
C ARG A 65 3.59 14.32 11.66
N PRO A 66 4.76 14.10 12.30
CA PRO A 66 5.35 15.19 13.09
C PRO A 66 5.64 16.40 12.20
N ASP A 67 5.76 16.17 10.90
CA ASP A 67 5.98 17.24 9.93
C ASP A 67 7.35 17.93 10.00
N GLY A 68 8.38 17.21 10.42
CA GLY A 68 9.69 17.80 10.47
C GLY A 68 10.05 18.52 11.75
N ILE A 69 9.27 18.28 12.80
CA ILE A 69 9.51 18.88 14.10
C ILE A 69 9.43 17.76 15.13
N PRO A 70 10.33 17.76 16.12
CA PRO A 70 10.27 16.70 17.14
C PRO A 70 9.00 16.77 17.98
N MET A 71 8.32 15.63 18.10
CA MET A 71 7.08 15.52 18.88
C MET A 71 7.07 14.14 19.56
N PRO A 72 8.00 13.90 20.48
CA PRO A 72 8.09 12.62 21.19
C PRO A 72 6.90 12.26 22.08
N ASP A 73 6.09 13.24 22.45
CA ASP A 73 4.93 12.95 23.30
C ASP A 73 3.76 12.40 22.50
N LYS A 74 3.79 12.55 21.18
CA LYS A 74 2.71 12.06 20.34
C LYS A 74 3.13 10.98 19.34
N TYR A 75 4.23 11.21 18.63
CA TYR A 75 4.70 10.26 17.63
C TYR A 75 6.10 9.67 17.86
N SER A 76 6.39 9.29 19.09
CA SER A 76 7.69 8.69 19.38
C SER A 76 7.60 7.20 19.08
N LEU A 77 8.74 6.59 18.74
CA LEU A 77 8.77 5.16 18.43
C LEU A 77 9.17 4.35 19.66
N GLU A 78 9.19 5.00 20.82
CA GLU A 78 9.55 4.30 22.05
C GLU A 78 8.62 3.12 22.30
N PRO A 79 7.30 3.32 22.14
CA PRO A 79 6.36 2.22 22.37
C PRO A 79 6.63 1.03 21.45
N VAL A 80 7.13 1.29 20.26
CA VAL A 80 7.43 0.23 19.29
C VAL A 80 8.62 -0.61 19.73
N ALA A 81 9.61 0.00 20.38
CA ALA A 81 10.79 -0.72 20.81
C ALA A 81 10.40 -1.79 21.83
N VAL A 82 9.40 -1.46 22.64
CA VAL A 82 8.91 -2.37 23.66
C VAL A 82 8.19 -3.56 23.03
N GLU A 83 7.31 -3.26 22.06
CA GLU A 83 6.58 -4.32 21.37
C GLU A 83 7.53 -5.19 20.54
N LEU A 84 8.61 -4.58 20.07
CA LEU A 84 9.61 -5.28 19.26
C LEU A 84 10.34 -6.36 20.06
N LYS A 85 10.77 -6.00 21.27
CA LYS A 85 11.49 -6.91 22.16
C LYS A 85 10.69 -8.16 22.48
N SER A 86 9.40 -7.98 22.73
CA SER A 86 8.52 -9.10 23.06
C SER A 86 8.31 -10.03 21.86
N LEU A 87 8.27 -9.45 20.66
CA LEU A 87 8.07 -10.21 19.43
C LEU A 87 9.32 -10.92 18.96
N LEU A 88 10.47 -10.27 19.08
CA LEU A 88 11.75 -10.83 18.65
C LEU A 88 12.38 -11.66 19.76
N GLY A 89 11.90 -11.47 20.99
CA GLY A 89 12.45 -12.21 22.10
C GLY A 89 13.89 -11.82 22.33
N LYS A 90 14.24 -10.60 21.96
CA LYS A 90 15.59 -10.09 22.12
C LYS A 90 15.54 -8.64 22.60
N ASP A 91 16.65 -8.18 23.17
CA ASP A 91 16.73 -6.82 23.68
C ASP A 91 16.90 -5.80 22.57
N VAL A 92 16.22 -4.67 22.72
CA VAL A 92 16.28 -3.60 21.72
C VAL A 92 16.73 -2.28 22.32
N LEU A 93 17.86 -1.77 21.86
CA LEU A 93 18.36 -0.49 22.35
C LEU A 93 17.67 0.61 21.56
N PHE A 94 16.97 1.49 22.26
CA PHE A 94 16.25 2.59 21.63
C PHE A 94 16.96 3.92 21.82
N LEU A 95 17.23 4.61 20.72
CA LEU A 95 17.89 5.91 20.79
C LEU A 95 16.90 7.04 20.57
N LYS A 96 17.05 8.12 21.34
CA LYS A 96 16.16 9.28 21.25
C LYS A 96 16.31 10.11 19.99
N ASP A 97 17.25 9.75 19.12
CA ASP A 97 17.45 10.45 17.84
C ASP A 97 17.88 9.45 16.77
N CYS A 98 17.92 9.89 15.52
CA CYS A 98 18.29 9.01 14.41
C CYS A 98 19.56 9.43 13.70
N VAL A 99 20.08 10.60 14.04
CA VAL A 99 21.33 11.09 13.45
C VAL A 99 22.10 11.85 14.52
N GLY A 100 23.37 12.12 14.24
CA GLY A 100 24.17 12.86 15.19
C GLY A 100 25.39 12.07 15.63
N PRO A 101 26.40 12.73 16.24
CA PRO A 101 27.61 12.07 16.71
C PRO A 101 27.34 11.00 17.78
N GLU A 102 26.36 11.28 18.64
CA GLU A 102 26.01 10.35 19.70
C GLU A 102 25.33 9.08 19.20
N VAL A 103 24.62 9.20 18.08
CA VAL A 103 23.95 8.06 17.48
C VAL A 103 24.98 7.28 16.65
N GLU A 104 25.83 8.03 15.93
CA GLU A 104 26.87 7.43 15.09
C GLU A 104 27.86 6.64 15.93
N LYS A 105 28.13 7.12 17.15
CA LYS A 105 29.06 6.46 18.05
C LYS A 105 28.49 5.14 18.54
N ALA A 106 27.22 5.18 18.93
CA ALA A 106 26.52 3.99 19.42
C ALA A 106 26.33 2.93 18.33
N CYS A 107 26.50 3.34 17.08
CA CYS A 107 26.32 2.43 15.95
C CYS A 107 27.66 2.06 15.29
N ALA A 108 28.73 2.73 15.70
CA ALA A 108 30.05 2.47 15.12
C ALA A 108 30.49 1.01 15.23
N ASP A 109 30.49 0.47 16.44
CA ASP A 109 30.88 -0.92 16.67
C ASP A 109 30.05 -1.48 17.81
N PRO A 110 28.76 -1.76 17.55
CA PRO A 110 27.85 -2.31 18.57
C PRO A 110 28.19 -3.72 19.03
N ALA A 111 27.64 -4.09 20.17
CA ALA A 111 27.84 -5.42 20.72
C ALA A 111 27.21 -6.35 19.69
N ALA A 112 27.97 -7.36 19.26
CA ALA A 112 27.49 -8.31 18.26
C ALA A 112 26.04 -8.76 18.50
N GLY A 113 25.29 -8.93 17.40
CA GLY A 113 23.91 -9.36 17.49
C GLY A 113 22.99 -8.33 18.13
N SER A 114 23.37 -7.06 18.01
CA SER A 114 22.58 -5.99 18.59
C SER A 114 21.50 -5.49 17.65
N VAL A 115 20.33 -5.19 18.22
CA VAL A 115 19.18 -4.66 17.47
C VAL A 115 18.93 -3.25 17.96
N ILE A 116 19.18 -2.26 17.13
CA ILE A 116 19.00 -0.87 17.52
C ILE A 116 17.86 -0.18 16.78
N LEU A 117 16.99 0.51 17.51
CA LEU A 117 15.86 1.21 16.91
C LEU A 117 16.02 2.71 17.06
N LEU A 118 16.13 3.42 15.95
CA LEU A 118 16.31 4.86 15.99
C LEU A 118 14.97 5.58 16.17
N GLU A 119 15.02 6.81 16.64
CA GLU A 119 13.81 7.61 16.85
C GLU A 119 13.24 8.10 15.51
N ASN A 120 11.95 8.46 15.52
CA ASN A 120 11.21 8.94 14.34
C ASN A 120 12.03 9.79 13.38
N LEU A 121 12.18 9.28 12.15
CA LEU A 121 12.95 9.96 11.10
C LEU A 121 12.34 11.28 10.72
N ARG A 122 11.01 11.37 10.80
CA ARG A 122 10.31 12.57 10.42
C ARG A 122 10.34 13.71 11.45
N PHE A 123 11.11 13.54 12.53
CA PHE A 123 11.24 14.60 13.53
C PHE A 123 12.18 15.63 12.91
N HIS A 124 12.86 15.22 11.84
CA HIS A 124 13.80 16.08 11.10
C HIS A 124 13.20 16.41 9.74
N VAL A 125 13.20 17.70 9.40
CA VAL A 125 12.66 18.14 8.13
C VAL A 125 13.45 17.60 6.94
N GLU A 126 14.69 17.19 7.19
CA GLU A 126 15.55 16.65 6.13
C GLU A 126 15.15 15.28 5.58
N GLU A 127 14.29 14.56 6.31
CA GLU A 127 13.86 13.24 5.86
C GLU A 127 12.88 13.38 4.68
N GLU A 128 11.85 14.20 4.86
CA GLU A 128 10.88 14.41 3.78
C GLU A 128 11.32 15.51 2.83
N GLY A 129 12.26 16.34 3.28
CA GLY A 129 12.75 17.43 2.45
C GLY A 129 11.89 18.67 2.64
N LYS A 130 10.79 18.51 3.37
CA LYS A 130 9.88 19.60 3.64
C LYS A 130 9.05 19.28 4.88
N GLY A 131 8.53 20.32 5.53
CA GLY A 131 7.74 20.13 6.73
C GLY A 131 6.97 21.38 7.12
N LYS A 132 6.62 21.46 8.41
CA LYS A 132 5.88 22.62 8.93
C LYS A 132 6.36 23.01 10.32
N ASP A 133 6.55 24.31 10.55
CA ASP A 133 6.99 24.79 11.87
C ASP A 133 5.80 24.88 12.82
N ALA A 134 6.08 25.07 14.11
CA ALA A 134 5.04 25.17 15.14
C ALA A 134 3.99 26.25 14.84
N SER A 135 4.39 27.24 14.05
CA SER A 135 3.50 28.35 13.68
C SER A 135 2.51 27.87 12.61
N GLY A 136 2.79 26.70 12.04
CA GLY A 136 1.93 26.15 11.01
C GLY A 136 2.42 26.54 9.63
N SER A 137 3.47 27.35 9.60
CA SER A 137 4.05 27.80 8.34
C SER A 137 4.71 26.62 7.63
N LYS A 138 4.92 26.75 6.34
CA LYS A 138 5.55 25.70 5.56
C LYS A 138 7.03 26.03 5.38
N VAL A 139 7.90 25.09 5.78
CA VAL A 139 9.33 25.31 5.64
C VAL A 139 9.96 24.25 4.74
N LYS A 140 10.95 24.67 3.97
CA LYS A 140 11.65 23.76 3.07
C LYS A 140 13.03 23.49 3.63
N ALA A 141 13.47 22.23 3.52
CA ALA A 141 14.77 21.83 4.02
C ALA A 141 15.92 22.54 3.33
N ASP A 142 17.02 22.71 4.06
CA ASP A 142 18.23 23.35 3.59
C ASP A 142 19.07 22.23 2.94
N PRO A 143 19.47 22.41 1.67
CA PRO A 143 20.27 21.38 0.97
C PRO A 143 21.53 20.93 1.71
N ALA A 144 22.19 21.87 2.38
CA ALA A 144 23.40 21.54 3.12
C ALA A 144 23.04 20.65 4.32
N LYS A 145 21.90 20.92 4.94
CA LYS A 145 21.44 20.14 6.09
C LYS A 145 21.03 18.75 5.61
N ILE A 146 20.37 18.70 4.46
CA ILE A 146 19.93 17.45 3.88
C ILE A 146 21.15 16.55 3.62
N GLU A 147 22.22 17.15 3.09
CA GLU A 147 23.42 16.37 2.81
C GLU A 147 24.06 15.79 4.07
N ALA A 148 24.08 16.58 5.15
CA ALA A 148 24.68 16.12 6.41
C ALA A 148 23.80 15.09 7.10
N PHE A 149 22.49 15.18 6.88
CA PHE A 149 21.54 14.26 7.45
C PHE A 149 21.71 12.91 6.77
N ARG A 150 21.94 12.95 5.46
CA ARG A 150 22.10 11.73 4.69
C ARG A 150 23.45 11.06 4.94
N ALA A 151 24.49 11.86 5.11
CA ALA A 151 25.82 11.31 5.35
C ALA A 151 25.87 10.65 6.72
N SER A 152 25.07 11.18 7.65
CA SER A 152 25.01 10.65 9.00
C SER A 152 24.40 9.25 8.96
N LEU A 153 23.19 9.17 8.41
CA LEU A 153 22.49 7.91 8.28
C LEU A 153 23.37 6.87 7.62
N SER A 154 24.18 7.31 6.66
CA SER A 154 25.07 6.42 5.92
C SER A 154 26.24 5.86 6.72
N LYS A 155 26.46 6.40 7.92
CA LYS A 155 27.55 5.95 8.77
C LYS A 155 27.08 4.93 9.80
N LEU A 156 25.77 4.75 9.90
CA LEU A 156 25.19 3.83 10.89
C LEU A 156 25.32 2.35 10.54
N GLY A 157 25.81 2.04 9.33
CA GLY A 157 25.95 0.65 8.95
C GLY A 157 26.82 0.43 7.72
N ASP A 158 26.98 -0.83 7.33
CA ASP A 158 27.80 -1.20 6.17
C ASP A 158 26.97 -1.52 4.92
N VAL A 159 25.82 -2.15 5.11
CA VAL A 159 24.93 -2.49 3.98
C VAL A 159 23.57 -1.90 4.31
N TYR A 160 22.80 -1.57 3.27
CA TYR A 160 21.46 -0.99 3.46
C TYR A 160 20.38 -1.95 2.98
N VAL A 161 19.29 -2.02 3.75
CA VAL A 161 18.18 -2.89 3.40
C VAL A 161 16.89 -2.07 3.52
N ASN A 162 16.04 -2.16 2.50
CA ASN A 162 14.77 -1.45 2.49
C ASN A 162 13.61 -2.46 2.49
N ASP A 163 12.79 -2.40 3.55
CA ASP A 163 11.64 -3.28 3.69
C ASP A 163 10.41 -2.41 3.90
N ALA A 164 10.46 -1.17 3.41
CA ALA A 164 9.35 -0.26 3.58
C ALA A 164 8.76 0.16 2.23
N PHE A 165 8.14 -0.81 1.56
CA PHE A 165 7.51 -0.59 0.26
C PHE A 165 6.52 0.57 0.27
N GLY A 166 5.81 0.72 1.38
CA GLY A 166 4.83 1.78 1.51
C GLY A 166 5.36 3.19 1.35
N THR A 167 6.69 3.35 1.44
CA THR A 167 7.32 4.66 1.31
C THR A 167 8.21 4.74 0.07
N ALA A 168 8.33 3.62 -0.65
CA ALA A 168 9.16 3.54 -1.84
C ALA A 168 8.82 4.54 -2.93
N HIS A 169 7.57 5.00 -2.93
CA HIS A 169 7.12 5.96 -3.94
C HIS A 169 7.48 7.40 -3.58
N ARG A 170 8.28 7.57 -2.53
CA ARG A 170 8.69 8.90 -2.12
C ARG A 170 10.20 8.99 -2.13
N ALA A 171 10.72 10.11 -2.65
CA ALA A 171 12.15 10.32 -2.71
C ALA A 171 12.62 10.95 -1.39
N HIS A 172 12.43 10.25 -0.28
CA HIS A 172 12.85 10.77 1.02
C HIS A 172 14.26 10.27 1.33
N SER A 173 14.99 11.00 2.16
CA SER A 173 16.37 10.63 2.53
C SER A 173 16.57 9.16 2.88
N SER A 174 15.73 8.64 3.76
CA SER A 174 15.85 7.25 4.17
C SER A 174 15.55 6.27 3.03
N MET A 175 14.92 6.77 1.95
CA MET A 175 14.58 5.94 0.81
C MET A 175 15.63 6.00 -0.31
N VAL A 176 16.14 7.18 -0.62
CA VAL A 176 17.11 7.34 -1.69
C VAL A 176 18.43 8.00 -1.27
N GLY A 177 18.54 8.42 -0.01
CA GLY A 177 19.75 9.10 0.45
C GLY A 177 20.81 8.36 1.24
N VAL A 178 20.70 7.04 1.38
CA VAL A 178 21.71 6.28 2.11
C VAL A 178 22.76 5.79 1.12
N ASN A 179 23.94 6.40 1.19
CA ASN A 179 25.05 6.07 0.29
C ASN A 179 25.91 4.92 0.78
N LEU A 180 25.55 3.71 0.36
CA LEU A 180 26.29 2.50 0.72
C LEU A 180 26.44 1.66 -0.53
N PRO A 181 27.50 0.83 -0.59
CA PRO A 181 27.77 -0.04 -1.75
C PRO A 181 26.58 -0.84 -2.26
N LYS A 182 26.00 -1.65 -1.38
CA LYS A 182 24.86 -2.49 -1.75
C LYS A 182 23.58 -2.08 -1.04
N LYS A 183 22.49 -2.03 -1.78
CA LYS A 183 21.19 -1.67 -1.22
C LYS A 183 20.23 -2.72 -1.70
N ALA A 184 19.77 -3.54 -0.77
CA ALA A 184 18.86 -4.65 -1.08
C ALA A 184 17.46 -4.44 -0.51
N GLY A 185 16.49 -5.06 -1.17
CA GLY A 185 15.14 -4.99 -0.69
C GLY A 185 14.98 -6.11 0.32
N GLY A 186 14.22 -5.85 1.38
CA GLY A 186 14.02 -6.89 2.39
C GLY A 186 13.03 -7.92 1.88
N PHE A 187 12.66 -8.86 2.74
CA PHE A 187 11.73 -9.92 2.36
C PHE A 187 10.32 -9.43 2.09
N LEU A 188 9.93 -8.34 2.73
CA LEU A 188 8.62 -7.76 2.50
C LEU A 188 8.69 -7.06 1.14
N MET A 189 9.80 -6.39 0.87
CA MET A 189 9.97 -5.70 -0.41
C MET A 189 10.02 -6.74 -1.54
N LYS A 190 10.69 -7.85 -1.27
CA LYS A 190 10.84 -8.92 -2.24
C LYS A 190 9.46 -9.41 -2.73
N LYS A 191 8.56 -9.71 -1.78
CA LYS A 191 7.23 -10.17 -2.14
C LYS A 191 6.48 -9.16 -3.00
N GLU A 192 6.59 -7.87 -2.65
CA GLU A 192 5.93 -6.83 -3.42
C GLU A 192 6.46 -6.78 -4.86
N LEU A 193 7.78 -6.85 -5.00
CA LEU A 193 8.39 -6.78 -6.34
C LEU A 193 8.03 -7.97 -7.23
N ASN A 194 8.05 -9.18 -6.65
CA ASN A 194 7.75 -10.40 -7.37
C ASN A 194 6.33 -10.46 -7.89
N TYR A 195 5.37 -10.12 -7.03
CA TYR A 195 3.96 -10.15 -7.40
C TYR A 195 3.52 -9.06 -8.37
N PHE A 196 4.06 -7.86 -8.20
CA PHE A 196 3.70 -6.78 -9.11
C PHE A 196 4.42 -6.92 -10.45
N ALA A 197 5.53 -7.65 -10.46
CA ALA A 197 6.26 -7.89 -11.70
C ALA A 197 5.35 -8.83 -12.52
N LYS A 198 4.53 -9.60 -11.81
CA LYS A 198 3.58 -10.51 -12.44
C LYS A 198 2.41 -9.72 -12.99
N ALA A 199 2.03 -8.67 -12.28
CA ALA A 199 0.91 -7.83 -12.69
C ALA A 199 1.27 -6.93 -13.87
N LEU A 200 2.52 -6.52 -13.94
CA LEU A 200 2.98 -5.62 -15.00
C LEU A 200 3.96 -6.17 -16.03
N GLU A 201 4.60 -7.30 -15.74
CA GLU A 201 5.57 -7.84 -16.69
C GLU A 201 5.11 -9.12 -17.40
N SER A 202 5.07 -10.24 -16.69
CA SER A 202 4.65 -11.50 -17.28
C SER A 202 3.46 -12.08 -16.52
N PRO A 203 2.24 -11.57 -16.79
CA PRO A 203 1.02 -12.03 -16.14
C PRO A 203 0.44 -13.32 -16.72
N GLU A 204 -0.33 -14.03 -15.89
CA GLU A 204 -0.99 -15.26 -16.31
C GLU A 204 -2.30 -14.85 -16.96
N ARG A 205 -2.89 -15.73 -17.77
CA ARG A 205 -4.13 -15.40 -18.46
C ARG A 205 -5.26 -16.41 -18.32
N PRO A 206 -6.52 -15.92 -18.32
CA PRO A 206 -6.86 -14.50 -18.44
C PRO A 206 -6.45 -13.69 -17.21
N PHE A 207 -6.21 -12.40 -17.42
CA PHE A 207 -5.81 -11.49 -16.35
C PHE A 207 -6.97 -10.53 -16.07
N LEU A 208 -7.50 -10.56 -14.85
CA LEU A 208 -8.62 -9.69 -14.53
C LEU A 208 -8.24 -8.60 -13.55
N ALA A 209 -8.71 -7.39 -13.81
CA ALA A 209 -8.46 -6.28 -12.93
C ALA A 209 -9.81 -5.89 -12.35
N ILE A 210 -9.86 -5.75 -11.03
CA ILE A 210 -11.08 -5.36 -10.35
C ILE A 210 -10.82 -3.98 -9.78
N LEU A 211 -11.50 -2.97 -10.33
CA LEU A 211 -11.31 -1.60 -9.89
C LEU A 211 -12.54 -1.03 -9.22
N GLY A 212 -12.33 -0.48 -8.02
CA GLY A 212 -13.42 0.11 -7.27
C GLY A 212 -12.99 1.45 -6.69
N GLY A 213 -13.69 1.91 -5.67
CA GLY A 213 -13.35 3.19 -5.07
C GLY A 213 -14.44 4.20 -5.38
N ALA A 214 -14.27 5.43 -4.90
CA ALA A 214 -15.26 6.48 -5.10
C ALA A 214 -15.07 7.34 -6.36
N LYS A 215 -13.88 7.88 -6.56
CA LYS A 215 -13.64 8.75 -7.73
C LYS A 215 -13.13 8.08 -9.00
N VAL A 216 -13.28 8.79 -10.11
CA VAL A 216 -12.84 8.32 -11.42
C VAL A 216 -11.66 9.15 -11.91
N ALA A 217 -11.78 10.47 -11.78
CA ALA A 217 -10.75 11.40 -12.23
C ALA A 217 -9.35 11.12 -11.67
N ASP A 218 -9.28 10.63 -10.44
CA ASP A 218 -7.98 10.36 -9.84
C ASP A 218 -7.42 8.97 -10.21
N LYS A 219 -8.23 8.14 -10.85
CA LYS A 219 -7.79 6.79 -11.25
C LYS A 219 -7.73 6.65 -12.77
N ILE A 220 -7.68 7.77 -13.48
CA ILE A 220 -7.63 7.73 -14.92
C ILE A 220 -6.38 7.04 -15.48
N GLN A 221 -5.21 7.39 -14.96
CA GLN A 221 -3.98 6.78 -15.43
C GLN A 221 -3.90 5.31 -15.02
N LEU A 222 -4.48 4.97 -13.88
CA LEU A 222 -4.48 3.58 -13.40
C LEU A 222 -5.30 2.73 -14.37
N ILE A 223 -6.49 3.21 -14.70
CA ILE A 223 -7.39 2.51 -15.62
C ILE A 223 -6.70 2.43 -16.98
N ASN A 224 -6.16 3.55 -17.43
CA ASN A 224 -5.47 3.62 -18.71
C ASN A 224 -4.36 2.57 -18.79
N ASN A 225 -3.49 2.53 -17.79
CA ASN A 225 -2.39 1.57 -17.77
C ASN A 225 -2.86 0.11 -17.72
N MET A 226 -3.85 -0.16 -16.87
CA MET A 226 -4.39 -1.51 -16.73
C MET A 226 -5.04 -2.02 -18.01
N LEU A 227 -5.61 -1.10 -18.79
CA LEU A 227 -6.25 -1.49 -20.06
C LEU A 227 -5.20 -1.97 -21.06
N ASP A 228 -3.94 -1.67 -20.78
CA ASP A 228 -2.85 -2.11 -21.65
C ASP A 228 -2.30 -3.47 -21.22
N LYS A 229 -2.83 -4.03 -20.12
CA LYS A 229 -2.33 -5.31 -19.62
C LYS A 229 -3.37 -6.40 -19.37
N VAL A 230 -4.59 -6.03 -19.01
CA VAL A 230 -5.63 -7.00 -18.69
C VAL A 230 -6.50 -7.48 -19.87
N ASN A 231 -7.24 -8.56 -19.65
CA ASN A 231 -8.13 -9.12 -20.68
C ASN A 231 -9.57 -8.79 -20.30
N GLU A 232 -9.79 -8.57 -19.01
CA GLU A 232 -11.09 -8.26 -18.47
C GLU A 232 -10.97 -7.26 -17.32
N MET A 233 -12.01 -6.46 -17.13
CA MET A 233 -11.99 -5.48 -16.07
C MET A 233 -13.36 -5.21 -15.47
N ILE A 234 -13.42 -5.28 -14.15
CA ILE A 234 -14.65 -4.99 -13.43
C ILE A 234 -14.47 -3.57 -12.92
N ILE A 235 -15.49 -2.74 -13.10
CA ILE A 235 -15.45 -1.35 -12.65
C ILE A 235 -16.58 -1.22 -11.64
N GLY A 236 -16.23 -1.23 -10.37
CA GLY A 236 -17.25 -1.13 -9.33
C GLY A 236 -17.12 0.05 -8.39
N GLY A 237 -17.84 -0.02 -7.27
CA GLY A 237 -17.83 1.04 -6.29
C GLY A 237 -18.59 2.26 -6.79
N GLY A 238 -18.35 3.41 -6.17
CA GLY A 238 -19.04 4.63 -6.57
C GLY A 238 -18.58 5.12 -7.92
N MET A 239 -17.45 4.57 -8.37
CA MET A 239 -16.85 4.91 -9.64
C MET A 239 -17.77 4.56 -10.81
N ALA A 240 -18.44 3.42 -10.71
CA ALA A 240 -19.32 2.94 -11.76
C ALA A 240 -20.53 3.80 -12.11
N PHE A 241 -20.97 4.65 -11.19
CA PHE A 241 -22.14 5.47 -11.45
C PHE A 241 -21.85 6.54 -12.50
N THR A 242 -20.60 6.96 -12.59
CA THR A 242 -20.21 7.97 -13.57
C THR A 242 -20.26 7.33 -14.95
N PHE A 243 -19.88 6.06 -15.01
CA PHE A 243 -19.86 5.30 -16.26
C PHE A 243 -21.27 4.97 -16.70
N LEU A 244 -22.07 4.44 -15.77
CA LEU A 244 -23.44 4.06 -16.06
C LEU A 244 -24.29 5.23 -16.51
N LYS A 245 -24.11 6.38 -15.88
CA LYS A 245 -24.86 7.56 -16.23
C LYS A 245 -24.51 8.05 -17.63
N VAL A 246 -23.23 7.99 -17.98
CA VAL A 246 -22.77 8.44 -19.29
C VAL A 246 -23.11 7.48 -20.44
N LEU A 247 -22.89 6.18 -20.24
CA LEU A 247 -23.14 5.20 -21.29
C LEU A 247 -24.58 4.74 -21.43
N ASN A 248 -25.27 4.61 -20.29
CA ASN A 248 -26.66 4.15 -20.32
C ASN A 248 -27.69 5.22 -20.05
N ASN A 249 -27.24 6.41 -19.67
CA ASN A 249 -28.15 7.52 -19.35
C ASN A 249 -28.98 7.12 -18.14
N MET A 250 -28.39 6.27 -17.30
CA MET A 250 -29.04 5.81 -16.09
C MET A 250 -29.25 6.95 -15.09
N GLU A 251 -30.38 6.91 -14.39
CA GLU A 251 -30.66 7.92 -13.37
C GLU A 251 -29.95 7.39 -12.13
N ILE A 252 -29.12 8.22 -11.51
CA ILE A 252 -28.34 7.80 -10.35
C ILE A 252 -28.62 8.53 -9.05
N GLY A 253 -29.68 9.32 -9.02
CA GLY A 253 -30.03 10.05 -7.82
C GLY A 253 -28.86 10.80 -7.20
N THR A 254 -28.67 10.62 -5.90
CA THR A 254 -27.60 11.30 -5.18
C THR A 254 -26.30 10.49 -5.12
N SER A 255 -26.15 9.52 -6.01
CA SER A 255 -24.94 8.72 -6.02
C SER A 255 -23.77 9.56 -6.48
N LEU A 256 -22.55 9.15 -6.12
CA LEU A 256 -21.37 9.89 -6.50
C LEU A 256 -21.29 10.04 -8.01
N PHE A 257 -20.96 11.24 -8.44
CA PHE A 257 -20.80 11.52 -9.86
C PHE A 257 -19.53 12.32 -10.01
N ASP A 258 -18.62 11.84 -10.86
CA ASP A 258 -17.36 12.51 -11.08
C ASP A 258 -17.47 13.34 -12.35
N GLU A 259 -17.70 14.64 -12.20
CA GLU A 259 -17.85 15.55 -13.32
C GLU A 259 -16.74 15.45 -14.36
N GLU A 260 -15.49 15.63 -13.92
CA GLU A 260 -14.34 15.56 -14.81
C GLU A 260 -14.20 14.19 -15.47
N GLY A 261 -14.35 13.14 -14.69
CA GLY A 261 -14.22 11.79 -15.23
C GLY A 261 -15.27 11.45 -16.27
N SER A 262 -16.45 12.04 -16.12
CA SER A 262 -17.55 11.79 -17.05
C SER A 262 -17.23 12.18 -18.49
N LYS A 263 -16.30 13.11 -18.65
CA LYS A 263 -15.91 13.57 -19.99
C LYS A 263 -14.90 12.63 -20.66
N ILE A 264 -14.37 11.69 -19.89
CA ILE A 264 -13.34 10.76 -20.39
C ILE A 264 -13.87 9.33 -20.56
N VAL A 265 -15.02 9.06 -19.96
CA VAL A 265 -15.66 7.74 -19.99
C VAL A 265 -15.69 7.00 -21.34
N LYS A 266 -16.25 7.64 -22.37
CA LYS A 266 -16.33 7.01 -23.68
C LYS A 266 -14.95 6.74 -24.29
N ASP A 267 -13.97 7.55 -23.91
CA ASP A 267 -12.61 7.38 -24.42
C ASP A 267 -11.95 6.17 -23.75
N LEU A 268 -12.38 5.85 -22.53
CA LEU A 268 -11.82 4.72 -21.82
C LEU A 268 -12.43 3.45 -22.42
N MET A 269 -13.73 3.50 -22.71
CA MET A 269 -14.41 2.34 -23.30
C MET A 269 -13.89 2.08 -24.70
N SER A 270 -13.52 3.14 -25.41
CA SER A 270 -12.99 3.00 -26.75
C SER A 270 -11.66 2.24 -26.71
N LYS A 271 -10.77 2.63 -25.81
CA LYS A 271 -9.48 1.95 -25.68
C LYS A 271 -9.70 0.49 -25.27
N ALA A 272 -10.67 0.25 -24.40
CA ALA A 272 -10.96 -1.11 -23.97
C ALA A 272 -11.27 -1.94 -25.19
N GLU A 273 -12.19 -1.43 -26.01
CA GLU A 273 -12.61 -2.08 -27.25
C GLU A 273 -11.43 -2.36 -28.19
N LYS A 274 -10.57 -1.35 -28.38
CA LYS A 274 -9.42 -1.49 -29.26
C LYS A 274 -8.40 -2.51 -28.74
N ASN A 275 -8.43 -2.77 -27.45
CA ASN A 275 -7.49 -3.73 -26.87
C ASN A 275 -8.12 -5.11 -26.68
N GLY A 276 -9.41 -5.21 -26.88
CA GLY A 276 -10.10 -6.48 -26.73
C GLY A 276 -10.42 -6.79 -25.28
N VAL A 277 -10.45 -5.73 -24.47
CA VAL A 277 -10.74 -5.89 -23.06
C VAL A 277 -12.25 -5.88 -22.81
N LYS A 278 -12.73 -6.87 -22.08
CA LYS A 278 -14.14 -6.95 -21.74
C LYS A 278 -14.35 -6.25 -20.41
N ILE A 279 -15.29 -5.31 -20.40
CA ILE A 279 -15.60 -4.53 -19.20
C ILE A 279 -16.86 -5.02 -18.55
N THR A 280 -16.81 -5.26 -17.25
CA THR A 280 -17.99 -5.70 -16.52
C THR A 280 -18.39 -4.63 -15.53
N LEU A 281 -19.63 -4.14 -15.69
CA LEU A 281 -20.18 -3.10 -14.83
C LEU A 281 -21.33 -3.67 -14.00
N PRO A 282 -21.64 -3.03 -12.86
CA PRO A 282 -22.75 -3.56 -12.06
C PRO A 282 -24.07 -3.38 -12.82
N VAL A 283 -25.10 -4.12 -12.41
CA VAL A 283 -26.41 -4.05 -13.06
C VAL A 283 -27.53 -3.76 -12.07
N ASP A 284 -27.26 -3.98 -10.78
CA ASP A 284 -28.22 -3.73 -9.72
C ASP A 284 -27.43 -3.19 -8.54
N PHE A 285 -28.12 -2.55 -7.60
CA PHE A 285 -27.47 -1.95 -6.44
C PHE A 285 -28.30 -1.93 -5.17
N VAL A 286 -27.62 -1.67 -4.07
CA VAL A 286 -28.25 -1.55 -2.76
C VAL A 286 -28.25 -0.04 -2.51
N THR A 287 -29.43 0.53 -2.40
CA THR A 287 -29.55 1.98 -2.21
C THR A 287 -29.74 2.40 -0.76
N ALA A 288 -29.52 3.67 -0.51
CA ALA A 288 -29.65 4.25 0.82
C ALA A 288 -30.22 5.67 0.71
N ASP A 289 -30.97 6.11 1.72
CA ASP A 289 -31.57 7.45 1.67
C ASP A 289 -30.64 8.53 2.19
N LYS A 290 -29.50 8.11 2.73
CA LYS A 290 -28.51 9.05 3.25
C LYS A 290 -27.17 8.34 3.33
N PHE A 291 -26.08 9.10 3.40
CA PHE A 291 -24.76 8.50 3.48
C PHE A 291 -24.47 8.23 4.94
N ASP A 292 -25.10 7.19 5.47
CA ASP A 292 -24.93 6.82 6.88
C ASP A 292 -25.11 5.34 7.13
N GLU A 293 -24.37 4.83 8.11
CA GLU A 293 -24.40 3.43 8.50
C GLU A 293 -25.80 2.88 8.83
N ASN A 294 -26.59 3.66 9.55
CA ASN A 294 -27.95 3.25 9.94
C ASN A 294 -29.04 3.78 9.01
N ALA A 295 -28.70 4.01 7.75
CA ALA A 295 -29.67 4.53 6.81
C ALA A 295 -30.71 3.50 6.34
N LYS A 296 -31.79 4.00 5.77
CA LYS A 296 -32.85 3.15 5.26
C LYS A 296 -32.32 2.62 3.95
N THR A 297 -32.62 1.36 3.70
CA THR A 297 -32.12 0.65 2.53
C THR A 297 -33.20 0.30 1.51
N GLY A 298 -32.78 0.20 0.24
CA GLY A 298 -33.64 -0.15 -0.87
C GLY A 298 -32.90 -0.91 -1.95
N GLN A 299 -33.52 -1.09 -3.13
CA GLN A 299 -32.87 -1.80 -4.23
C GLN A 299 -33.15 -1.10 -5.55
N ALA A 300 -32.29 -1.32 -6.53
CA ALA A 300 -32.44 -0.68 -7.84
C ALA A 300 -31.62 -1.42 -8.88
N THR A 301 -31.96 -1.23 -10.15
CA THR A 301 -31.23 -1.86 -11.24
C THR A 301 -30.89 -0.74 -12.22
N VAL A 302 -30.14 -1.06 -13.27
CA VAL A 302 -29.79 -0.05 -14.25
C VAL A 302 -31.05 0.39 -15.00
N ALA A 303 -31.97 -0.54 -15.22
CA ALA A 303 -33.23 -0.27 -15.91
C ALA A 303 -34.19 0.59 -15.09
N SER A 304 -34.33 0.27 -13.81
CA SER A 304 -35.23 0.99 -12.92
C SER A 304 -34.69 2.37 -12.57
N GLY A 305 -33.37 2.47 -12.45
CA GLY A 305 -32.75 3.74 -12.09
C GLY A 305 -32.81 3.93 -10.59
N ILE A 306 -32.04 4.88 -10.06
CA ILE A 306 -32.06 5.15 -8.62
C ILE A 306 -32.92 6.38 -8.33
N PRO A 307 -33.86 6.27 -7.39
CA PRO A 307 -34.79 7.36 -7.00
C PRO A 307 -34.08 8.61 -6.45
N ALA A 308 -34.71 9.78 -6.64
CA ALA A 308 -34.17 11.07 -6.18
C ALA A 308 -33.98 11.06 -4.66
N GLY A 309 -32.85 11.57 -4.20
CA GLY A 309 -32.59 11.59 -2.77
C GLY A 309 -32.12 10.23 -2.26
N TRP A 310 -31.73 9.38 -3.18
CA TRP A 310 -31.25 8.04 -2.83
C TRP A 310 -29.90 7.80 -3.51
N MET A 311 -29.05 7.00 -2.89
CA MET A 311 -27.74 6.72 -3.45
C MET A 311 -27.35 5.26 -3.37
N GLY A 312 -26.67 4.78 -4.40
CA GLY A 312 -26.22 3.41 -4.42
C GLY A 312 -24.94 3.29 -3.62
N LEU A 313 -24.96 2.47 -2.57
CA LEU A 313 -23.78 2.28 -1.74
C LEU A 313 -23.12 0.90 -1.90
N ASP A 314 -23.79 0.00 -2.62
CA ASP A 314 -23.26 -1.35 -2.85
C ASP A 314 -23.92 -1.93 -4.08
N CYS A 315 -23.30 -2.95 -4.67
CA CYS A 315 -23.86 -3.61 -5.84
C CYS A 315 -24.86 -4.64 -5.34
N GLY A 316 -25.85 -4.96 -6.17
CA GLY A 316 -26.85 -5.93 -5.78
C GLY A 316 -26.44 -7.36 -6.11
N PRO A 317 -27.34 -8.34 -5.90
CA PRO A 317 -27.12 -9.77 -6.16
C PRO A 317 -26.78 -10.17 -7.59
N GLU A 318 -27.43 -9.56 -8.58
CA GLU A 318 -27.14 -9.89 -9.97
C GLU A 318 -25.76 -9.43 -10.37
N SER A 319 -25.31 -8.33 -9.78
CA SER A 319 -23.98 -7.81 -10.06
C SER A 319 -22.94 -8.74 -9.42
N SER A 320 -23.30 -9.32 -8.28
CA SER A 320 -22.41 -10.24 -7.58
C SER A 320 -22.27 -11.52 -8.40
N LYS A 321 -23.36 -11.90 -9.05
CA LYS A 321 -23.35 -13.08 -9.89
C LYS A 321 -22.39 -12.86 -11.06
N LYS A 322 -22.53 -11.72 -11.74
CA LYS A 322 -21.65 -11.44 -12.88
C LYS A 322 -20.19 -11.29 -12.46
N TYR A 323 -19.95 -10.64 -11.32
CA TYR A 323 -18.59 -10.47 -10.84
C TYR A 323 -17.93 -11.83 -10.66
N SER A 324 -18.65 -12.74 -10.00
CA SER A 324 -18.17 -14.08 -9.73
C SER A 324 -17.85 -14.88 -11.00
N GLU A 325 -18.53 -14.56 -12.09
CA GLU A 325 -18.30 -15.25 -13.36
C GLU A 325 -16.97 -14.76 -13.93
N ALA A 326 -16.69 -13.47 -13.72
CA ALA A 326 -15.45 -12.88 -14.21
C ALA A 326 -14.28 -13.55 -13.49
N VAL A 327 -14.42 -13.68 -12.17
CA VAL A 327 -13.42 -14.29 -11.31
C VAL A 327 -13.22 -15.77 -11.68
N ALA A 328 -14.31 -16.42 -12.05
CA ALA A 328 -14.25 -17.83 -12.42
C ALA A 328 -13.30 -18.09 -13.58
N ARG A 329 -13.29 -17.20 -14.56
CA ARG A 329 -12.45 -17.32 -15.74
C ARG A 329 -11.01 -16.84 -15.56
N ALA A 330 -10.76 -16.01 -14.57
CA ALA A 330 -9.42 -15.48 -14.38
C ALA A 330 -8.38 -16.45 -13.82
N LYS A 331 -7.16 -16.33 -14.32
CA LYS A 331 -6.05 -17.15 -13.84
C LYS A 331 -5.15 -16.22 -13.02
N GLN A 332 -5.37 -14.91 -13.19
CA GLN A 332 -4.64 -13.90 -12.42
C GLN A 332 -5.59 -12.75 -12.12
N ILE A 333 -5.50 -12.22 -10.91
CA ILE A 333 -6.37 -11.15 -10.49
C ILE A 333 -5.64 -10.07 -9.70
N VAL A 334 -5.97 -8.81 -9.99
CA VAL A 334 -5.40 -7.68 -9.25
C VAL A 334 -6.65 -6.92 -8.82
N TRP A 335 -6.81 -6.76 -7.50
CA TRP A 335 -7.99 -6.07 -6.96
C TRP A 335 -7.59 -4.82 -6.21
N ASN A 336 -8.16 -3.68 -6.60
CA ASN A 336 -7.87 -2.41 -5.97
C ASN A 336 -9.12 -1.57 -5.76
N GLY A 337 -9.52 -1.42 -4.51
CA GLY A 337 -10.70 -0.63 -4.18
C GLY A 337 -11.91 -1.49 -3.94
N PRO A 338 -12.70 -1.18 -2.90
CA PRO A 338 -13.91 -1.98 -2.60
C PRO A 338 -15.00 -1.69 -3.62
N VAL A 339 -15.91 -2.63 -3.81
CA VAL A 339 -17.00 -2.45 -4.76
C VAL A 339 -18.22 -1.88 -4.06
N GLY A 340 -18.02 -1.41 -2.84
CA GLY A 340 -19.12 -0.83 -2.07
C GLY A 340 -18.57 -0.17 -0.83
N VAL A 341 -19.44 0.40 -0.01
CA VAL A 341 -19.02 1.06 1.23
C VAL A 341 -18.83 -0.02 2.28
N PHE A 342 -17.71 -0.73 2.17
CA PHE A 342 -17.35 -1.82 3.08
C PHE A 342 -17.20 -1.45 4.55
N GLU A 343 -17.16 -0.16 4.87
CA GLU A 343 -17.01 0.28 6.27
C GLU A 343 -18.29 0.10 7.06
N TRP A 344 -19.40 -0.07 6.34
CA TRP A 344 -20.71 -0.25 6.97
C TRP A 344 -21.29 -1.58 6.51
N GLU A 345 -21.47 -2.50 7.47
CA GLU A 345 -21.99 -3.84 7.22
C GLU A 345 -23.15 -3.94 6.25
N ALA A 346 -24.12 -3.03 6.36
CA ALA A 346 -25.27 -3.07 5.47
C ALA A 346 -24.87 -2.85 4.00
N PHE A 347 -23.67 -2.29 3.78
CA PHE A 347 -23.20 -2.03 2.41
C PHE A 347 -21.86 -2.66 2.11
N ALA A 348 -21.49 -3.69 2.87
CA ALA A 348 -20.22 -4.38 2.70
C ALA A 348 -20.33 -5.76 2.05
N GLN A 349 -21.56 -6.26 1.91
CA GLN A 349 -21.82 -7.58 1.35
C GLN A 349 -21.35 -7.86 -0.07
N GLY A 350 -21.49 -6.89 -0.96
CA GLY A 350 -21.04 -7.09 -2.32
C GLY A 350 -19.55 -7.37 -2.32
N THR A 351 -18.84 -6.65 -1.46
CA THR A 351 -17.39 -6.77 -1.31
C THR A 351 -17.00 -8.06 -0.59
N LYS A 352 -17.78 -8.44 0.41
CA LYS A 352 -17.52 -9.66 1.16
C LYS A 352 -17.75 -10.88 0.27
N ALA A 353 -18.80 -10.82 -0.54
CA ALA A 353 -19.10 -11.93 -1.46
C ALA A 353 -18.00 -12.07 -2.51
N LEU A 354 -17.47 -10.95 -3.00
CA LEU A 354 -16.41 -10.99 -4.01
C LEU A 354 -15.13 -11.58 -3.41
N MET A 355 -14.82 -11.18 -2.17
CA MET A 355 -13.66 -11.67 -1.46
C MET A 355 -13.75 -13.21 -1.37
N ASP A 356 -14.95 -13.70 -1.03
CA ASP A 356 -15.20 -15.13 -0.92
C ASP A 356 -14.90 -15.84 -2.24
N GLU A 357 -15.21 -15.17 -3.36
CA GLU A 357 -14.98 -15.74 -4.67
C GLU A 357 -13.50 -15.74 -5.02
N VAL A 358 -12.81 -14.68 -4.64
CA VAL A 358 -11.38 -14.54 -4.90
C VAL A 358 -10.60 -15.52 -4.02
N VAL A 359 -11.10 -15.78 -2.82
CA VAL A 359 -10.43 -16.72 -1.94
C VAL A 359 -10.56 -18.09 -2.61
N LYS A 360 -11.77 -18.41 -3.07
CA LYS A 360 -12.01 -19.69 -3.74
C LYS A 360 -11.15 -19.82 -4.99
N ALA A 361 -11.01 -18.73 -5.74
CA ALA A 361 -10.21 -18.76 -6.97
C ALA A 361 -8.75 -19.08 -6.63
N THR A 362 -8.25 -18.51 -5.53
CA THR A 362 -6.88 -18.74 -5.10
C THR A 362 -6.63 -20.23 -4.82
N SER A 363 -7.61 -20.90 -4.21
CA SER A 363 -7.49 -22.31 -3.88
C SER A 363 -7.23 -23.19 -5.10
N ARG A 364 -7.75 -22.78 -6.24
CA ARG A 364 -7.58 -23.57 -7.45
C ARG A 364 -6.44 -23.08 -8.36
N GLY A 365 -5.50 -22.34 -7.79
CA GLY A 365 -4.35 -21.89 -8.57
C GLY A 365 -4.39 -20.54 -9.25
N CYS A 366 -5.29 -19.66 -8.84
CA CYS A 366 -5.35 -18.34 -9.43
C CYS A 366 -4.41 -17.47 -8.60
N ILE A 367 -3.68 -16.56 -9.26
CA ILE A 367 -2.79 -15.66 -8.53
C ILE A 367 -3.63 -14.44 -8.18
N THR A 368 -3.87 -14.24 -6.89
CA THR A 368 -4.71 -13.13 -6.47
C THR A 368 -3.90 -12.07 -5.72
N ILE A 369 -3.92 -10.86 -6.25
CA ILE A 369 -3.18 -9.76 -5.66
C ILE A 369 -4.10 -8.63 -5.22
N ILE A 370 -4.00 -8.27 -3.94
CA ILE A 370 -4.80 -7.19 -3.40
C ILE A 370 -3.93 -5.95 -3.19
N GLY A 371 -4.43 -4.80 -3.59
CA GLY A 371 -3.69 -3.56 -3.43
C GLY A 371 -3.73 -3.01 -2.01
N GLY A 372 -2.78 -2.15 -1.68
CA GLY A 372 -2.76 -1.58 -0.34
C GLY A 372 -3.99 -0.73 -0.04
N GLY A 373 -4.10 -0.28 1.21
CA GLY A 373 -5.22 0.55 1.60
C GLY A 373 -6.50 -0.19 1.94
N ASP A 374 -7.63 0.42 1.62
CA ASP A 374 -8.94 -0.15 1.91
C ASP A 374 -9.01 -1.64 1.59
N THR A 375 -8.74 -2.01 0.35
CA THR A 375 -8.78 -3.41 -0.05
C THR A 375 -7.96 -4.25 0.95
N ALA A 376 -6.75 -3.80 1.23
CA ALA A 376 -5.87 -4.49 2.17
C ALA A 376 -6.50 -4.54 3.57
N THR A 377 -7.34 -3.56 3.87
CA THR A 377 -8.02 -3.50 5.17
C THR A 377 -9.13 -4.54 5.23
N CYS A 378 -9.76 -4.78 4.08
CA CYS A 378 -10.84 -5.75 3.98
C CYS A 378 -10.35 -7.14 4.34
N CYS A 379 -9.09 -7.41 4.03
CA CYS A 379 -8.48 -8.71 4.30
C CYS A 379 -8.29 -8.97 5.79
N ALA A 380 -7.92 -7.95 6.54
CA ALA A 380 -7.71 -8.09 7.97
C ALA A 380 -9.04 -8.18 8.72
N LYS A 381 -10.01 -7.40 8.26
CA LYS A 381 -11.34 -7.39 8.87
C LYS A 381 -12.04 -8.76 8.81
N TRP A 382 -11.84 -9.49 7.72
CA TRP A 382 -12.47 -10.80 7.56
C TRP A 382 -11.46 -11.97 7.52
N ASN A 383 -10.25 -11.70 8.02
CA ASN A 383 -9.20 -12.70 8.10
C ASN A 383 -9.00 -13.54 6.84
N THR A 384 -8.55 -12.91 5.77
CA THR A 384 -8.33 -13.59 4.51
C THR A 384 -6.95 -13.24 3.96
N GLU A 385 -6.18 -12.50 4.75
CA GLU A 385 -4.85 -12.08 4.36
C GLU A 385 -3.97 -13.26 3.96
N ASP A 386 -4.24 -14.43 4.53
CA ASP A 386 -3.48 -15.63 4.22
C ASP A 386 -4.27 -16.55 3.29
N LYS A 387 -5.36 -16.03 2.73
CA LYS A 387 -6.21 -16.79 1.83
C LYS A 387 -6.03 -16.36 0.39
N VAL A 388 -5.17 -15.37 0.17
CA VAL A 388 -4.89 -14.88 -1.17
C VAL A 388 -3.39 -14.96 -1.39
N SER A 389 -2.95 -14.71 -2.61
CA SER A 389 -1.53 -14.79 -2.94
C SER A 389 -0.72 -13.66 -2.33
N HIS A 390 -1.19 -12.43 -2.48
CA HIS A 390 -0.44 -11.29 -1.96
C HIS A 390 -1.32 -10.11 -1.57
N VAL A 391 -1.01 -9.52 -0.41
CA VAL A 391 -1.73 -8.35 0.06
C VAL A 391 -0.65 -7.31 0.24
N SER A 392 -0.69 -6.28 -0.60
CA SER A 392 0.29 -5.21 -0.58
C SER A 392 0.35 -4.42 0.72
N THR A 393 1.56 -4.08 1.15
CA THR A 393 1.77 -3.33 2.37
C THR A 393 1.71 -1.82 2.12
N GLY A 394 1.65 -1.42 0.86
CA GLY A 394 1.61 0.01 0.54
C GLY A 394 0.51 0.43 -0.41
N GLY A 395 -0.45 1.20 0.09
CA GLY A 395 -1.55 1.67 -0.74
C GLY A 395 -1.13 2.58 -1.87
N GLY A 396 -0.67 3.78 -1.53
CA GLY A 396 -0.24 4.73 -2.55
C GLY A 396 0.89 4.26 -3.43
N ALA A 397 1.89 3.62 -2.82
CA ALA A 397 3.04 3.12 -3.57
C ALA A 397 2.60 2.06 -4.59
N SER A 398 1.69 1.17 -4.18
CA SER A 398 1.19 0.12 -5.05
C SER A 398 0.35 0.73 -6.19
N LEU A 399 -0.30 1.85 -5.89
CA LEU A 399 -1.13 2.54 -6.87
C LEU A 399 -0.24 3.19 -7.93
N GLU A 400 0.89 3.77 -7.52
CA GLU A 400 1.79 4.40 -8.48
C GLU A 400 2.45 3.36 -9.38
N LEU A 401 2.64 2.14 -8.87
CA LEU A 401 3.24 1.08 -9.68
C LEU A 401 2.26 0.63 -10.77
N LEU A 402 1.01 0.46 -10.37
CA LEU A 402 -0.03 0.03 -11.29
C LEU A 402 -0.31 1.11 -12.34
N GLU A 403 0.08 2.34 -12.03
CA GLU A 403 -0.08 3.47 -12.95
C GLU A 403 1.05 3.39 -13.96
N GLY A 404 2.13 2.70 -13.59
CA GLY A 404 3.25 2.54 -14.48
C GLY A 404 4.42 3.46 -14.17
N LYS A 405 4.39 4.08 -13.01
CA LYS A 405 5.45 4.99 -12.61
C LYS A 405 6.62 4.20 -12.00
N VAL A 406 7.78 4.83 -11.98
CA VAL A 406 8.99 4.24 -11.42
C VAL A 406 9.06 4.75 -9.98
N LEU A 407 9.16 3.84 -9.03
CA LEU A 407 9.23 4.21 -7.62
C LEU A 407 10.67 4.59 -7.24
N PRO A 408 10.88 5.80 -6.69
CA PRO A 408 12.19 6.29 -6.28
C PRO A 408 12.97 5.33 -5.38
N GLY A 409 12.28 4.75 -4.39
CA GLY A 409 12.91 3.81 -3.49
C GLY A 409 13.26 2.49 -4.14
N VAL A 410 12.42 2.04 -5.05
CA VAL A 410 12.68 0.78 -5.73
C VAL A 410 13.86 0.99 -6.67
N ASP A 411 13.86 2.12 -7.37
CA ASP A 411 14.94 2.43 -8.31
C ASP A 411 16.31 2.56 -7.65
N ALA A 412 16.35 3.10 -6.43
CA ALA A 412 17.63 3.29 -5.72
C ALA A 412 18.30 1.97 -5.34
N LEU A 413 17.52 0.90 -5.27
CA LEU A 413 18.04 -0.42 -4.92
C LEU A 413 19.02 -0.94 -5.97
N SER A 414 19.96 -1.77 -5.53
CA SER A 414 20.96 -2.34 -6.43
C SER A 414 20.34 -3.35 -7.39
N ASN A 415 20.93 -3.47 -8.57
CA ASN A 415 20.45 -4.39 -9.58
C ASN A 415 21.11 -5.76 -9.46
N VAL A 416 20.49 -6.74 -10.12
CA VAL A 416 20.95 -8.12 -10.13
C VAL A 416 21.11 -8.73 -8.73
MG MG B . -7.36 8.88 -1.42
PG ATP C . -9.92 8.12 0.47
O1G ATP C . -9.65 8.99 -0.71
O2G ATP C . -9.42 8.64 1.76
O3G ATP C . -11.29 7.52 0.47
PB ATP C . -8.58 6.06 -1.06
O1B ATP C . -8.09 7.01 -2.05
O2B ATP C . -7.76 4.94 -0.73
O3B ATP C . -8.91 6.89 0.26
PA ATP C . -10.87 5.15 -2.82
O1A ATP C . -10.88 6.25 -3.81
O2A ATP C . -10.40 3.85 -3.24
O3A ATP C . -10.12 5.65 -1.54
O5' ATP C . -12.22 5.05 -2.26
C5' ATP C . -12.56 4.10 -1.25
C4' ATP C . -13.78 4.55 -0.52
O4' ATP C . -14.87 4.51 -1.48
C3' ATP C . -14.20 3.65 0.60
O3' ATP C . -13.99 4.32 1.85
C2' ATP C . -15.65 3.33 0.32
O2' ATP C . -16.52 3.50 1.43
C1' ATP C . -16.08 4.36 -0.75
N9 ATP C . -17.17 3.84 -1.63
C8 ATP C . -17.27 2.63 -2.26
N7 ATP C . -18.34 2.45 -2.96
C5 ATP C . -19.00 3.65 -2.79
C6 ATP C . -20.26 4.13 -3.27
N6 ATP C . -21.02 3.37 -4.06
N1 ATP C . -20.66 5.38 -2.92
C2 ATP C . -19.88 6.13 -2.12
N3 ATP C . -18.69 5.79 -1.59
C4 ATP C . -18.31 4.51 -1.97
#